data_2LHG
#
_entry.id   2LHG
#
_entity_poly.entity_id   1
_entity_poly.type   'polypeptide(L)'
_entity_poly.pdbx_seq_one_letter_code
;TTYKLILNLKQAKEEAIKELVDAGIAEKYFKLIANAKTVEGVWTYKDEIKTFTVTE
;
_entity_poly.pdbx_strand_id   A
#
# COMPACT_ATOMS: atom_id res chain seq x y z
N THR A 1 12.13 4.42 5.08
CA THR A 1 13.00 4.26 6.24
C THR A 1 12.21 4.01 7.51
N THR A 2 11.20 4.85 7.74
CA THR A 2 10.41 4.77 8.97
C THR A 2 9.86 3.36 9.17
N TYR A 3 9.20 2.84 8.14
CA TYR A 3 8.59 1.51 8.22
C TYR A 3 9.66 0.42 8.19
N LYS A 4 10.87 0.80 7.79
CA LYS A 4 11.99 -0.14 7.76
C LYS A 4 12.65 -0.26 9.13
N LEU A 5 12.49 0.78 9.94
CA LEU A 5 13.11 0.82 11.27
C LEU A 5 12.19 0.24 12.32
N ILE A 6 10.88 0.41 12.12
CA ILE A 6 9.90 -0.05 13.09
C ILE A 6 9.04 -1.17 12.51
N LEU A 7 9.15 -2.36 13.10
CA LEU A 7 8.46 -3.54 12.58
C LEU A 7 6.94 -3.38 12.69
N ASN A 8 6.51 -2.62 13.69
CA ASN A 8 5.09 -2.33 13.85
C ASN A 8 4.55 -1.51 12.69
N LEU A 9 5.44 -0.75 12.05
CA LEU A 9 5.07 0.05 10.90
C LEU A 9 5.39 -0.67 9.60
N LYS A 10 6.27 -1.66 9.69
CA LYS A 10 6.55 -2.53 8.55
C LYS A 10 5.31 -3.27 8.11
N GLN A 11 4.44 -3.58 9.05
CA GLN A 11 3.20 -4.31 8.77
C GLN A 11 2.28 -3.49 7.87
N ALA A 12 2.50 -2.18 7.85
CA ALA A 12 1.68 -1.29 7.05
C ALA A 12 1.82 -1.60 5.56
N LYS A 13 3.06 -1.68 5.10
CA LYS A 13 3.34 -1.99 3.70
C LYS A 13 2.93 -3.41 3.34
N GLU A 14 2.94 -4.28 4.34
CA GLU A 14 2.57 -5.69 4.14
C GLU A 14 1.07 -5.81 3.88
N GLU A 15 0.28 -5.05 4.63
CA GLU A 15 -1.16 -4.99 4.40
C GLU A 15 -1.48 -4.26 3.11
N ALA A 16 -0.65 -3.28 2.77
CA ALA A 16 -0.82 -2.53 1.53
C ALA A 16 -0.65 -3.42 0.31
N ILE A 17 0.42 -4.21 0.30
CA ILE A 17 0.68 -5.12 -0.80
C ILE A 17 -0.24 -6.33 -0.74
N LYS A 18 -0.81 -6.59 0.43
CA LYS A 18 -1.83 -7.62 0.59
C LYS A 18 -3.10 -7.27 -0.16
N GLU A 19 -3.54 -6.02 -0.01
CA GLU A 19 -4.73 -5.54 -0.69
C GLU A 19 -4.52 -5.51 -2.20
N LEU A 20 -3.30 -5.16 -2.61
CA LEU A 20 -2.97 -5.07 -4.03
C LEU A 20 -2.95 -6.45 -4.67
N VAL A 21 -2.25 -7.39 -4.04
CA VAL A 21 -2.11 -8.73 -4.57
C VAL A 21 -3.42 -9.50 -4.51
N ASP A 22 -4.28 -9.11 -3.58
CA ASP A 22 -5.63 -9.66 -3.50
C ASP A 22 -6.53 -9.07 -4.58
N ALA A 23 -6.32 -7.79 -4.88
CA ALA A 23 -7.06 -7.12 -5.94
C ALA A 23 -6.56 -7.54 -7.31
N GLY A 24 -5.35 -8.09 -7.36
CA GLY A 24 -4.76 -8.56 -8.61
C GLY A 24 -4.04 -7.43 -9.34
N ILE A 25 -3.63 -6.42 -8.58
CA ILE A 25 -2.95 -5.27 -9.15
C ILE A 25 -1.43 -5.41 -9.07
N ALA A 26 -0.87 -6.18 -10.00
CA ALA A 26 0.56 -6.47 -9.97
C ALA A 26 1.39 -5.22 -10.19
N GLU A 27 0.94 -4.38 -11.12
CA GLU A 27 1.68 -3.17 -11.48
C GLU A 27 2.04 -2.36 -10.23
N LYS A 28 1.04 -2.11 -9.40
CA LYS A 28 1.24 -1.28 -8.21
C LYS A 28 1.80 -2.11 -7.06
N TYR A 29 1.49 -3.40 -7.05
CA TYR A 29 2.09 -4.32 -6.09
C TYR A 29 3.61 -4.23 -6.10
N PHE A 30 4.18 -4.10 -7.28
CA PHE A 30 5.63 -4.08 -7.44
C PHE A 30 6.17 -2.66 -7.44
N LYS A 31 5.34 -1.72 -7.91
CA LYS A 31 5.78 -0.35 -8.12
C LYS A 31 5.35 0.54 -6.97
N LEU A 32 4.04 0.64 -6.77
CA LEU A 32 3.47 1.65 -5.88
C LEU A 32 4.11 1.60 -4.49
N ILE A 33 3.99 0.44 -3.83
CA ILE A 33 4.39 0.31 -2.44
C ILE A 33 5.91 0.26 -2.31
N ALA A 34 6.56 -0.28 -3.34
CA ALA A 34 8.02 -0.33 -3.37
C ALA A 34 8.63 1.07 -3.42
N ASN A 35 7.83 2.03 -3.86
CA ASN A 35 8.28 3.41 -3.94
C ASN A 35 7.88 4.20 -2.70
N ALA A 36 7.63 3.48 -1.61
CA ALA A 36 7.33 4.11 -0.33
C ALA A 36 8.61 4.54 0.38
N LYS A 37 8.57 5.74 0.98
CA LYS A 37 9.70 6.26 1.73
C LYS A 37 9.45 6.18 3.23
N THR A 38 8.25 6.58 3.64
CA THR A 38 7.84 6.46 5.03
C THR A 38 6.57 5.64 5.17
N VAL A 39 6.21 5.31 6.40
CA VAL A 39 4.95 4.63 6.69
C VAL A 39 3.75 5.52 6.37
N GLU A 40 3.98 6.83 6.40
CA GLU A 40 2.97 7.80 5.97
C GLU A 40 2.83 7.81 4.45
N GLY A 41 3.94 7.62 3.76
CA GLY A 41 3.92 7.38 2.33
C GLY A 41 3.13 6.11 1.99
N VAL A 42 3.31 5.08 2.80
CA VAL A 42 2.54 3.85 2.66
C VAL A 42 1.05 4.10 2.92
N TRP A 43 0.76 4.89 3.94
CA TRP A 43 -0.61 5.21 4.29
C TRP A 43 -1.28 6.04 3.21
N THR A 44 -0.49 6.88 2.54
CA THR A 44 -0.95 7.59 1.36
C THR A 44 -1.25 6.62 0.22
N TYR A 45 -0.37 5.65 0.02
CA TYR A 45 -0.56 4.64 -1.02
C TYR A 45 -1.77 3.76 -0.71
N LYS A 46 -2.04 3.58 0.57
CA LYS A 46 -3.21 2.80 1.00
C LYS A 46 -4.49 3.32 0.36
N ASP A 47 -4.64 4.64 0.34
CA ASP A 47 -5.77 5.27 -0.33
C ASP A 47 -5.69 5.09 -1.84
N GLU A 48 -4.47 5.11 -2.37
CA GLU A 48 -4.25 4.93 -3.80
C GLU A 48 -4.63 3.51 -4.23
N ILE A 49 -4.43 2.55 -3.33
CA ILE A 49 -4.79 1.16 -3.60
C ILE A 49 -6.28 1.02 -3.90
N LYS A 50 -7.10 1.67 -3.09
CA LYS A 50 -8.54 1.70 -3.31
C LYS A 50 -8.88 2.44 -4.60
N THR A 51 -8.09 3.46 -4.92
CA THR A 51 -8.27 4.19 -6.17
C THR A 51 -8.01 3.30 -7.38
N PHE A 52 -7.01 2.44 -7.27
CA PHE A 52 -6.64 1.54 -8.35
C PHE A 52 -7.51 0.29 -8.36
N THR A 53 -8.05 -0.06 -7.20
CA THR A 53 -8.93 -1.21 -7.07
C THR A 53 -10.28 -0.94 -7.75
N VAL A 54 -10.83 0.25 -7.52
CA VAL A 54 -12.10 0.62 -8.12
C VAL A 54 -11.91 1.13 -9.54
N THR A 55 -12.45 0.38 -10.50
CA THR A 55 -12.31 0.72 -11.91
C THR A 55 -13.68 0.94 -12.56
N GLU A 56 -14.73 0.50 -11.87
CA GLU A 56 -16.09 0.66 -12.38
C GLU A 56 -16.85 1.72 -11.61
N THR A 1 -9.34 3.05 8.83
CA THR A 1 -8.40 2.34 7.97
C THR A 1 -7.26 1.74 8.79
N THR A 2 -7.23 0.42 8.88
CA THR A 2 -6.19 -0.28 9.60
C THR A 2 -4.80 0.08 9.07
N TYR A 3 -4.70 0.22 7.74
CA TYR A 3 -3.43 0.49 7.10
C TYR A 3 -2.80 1.78 7.63
N LYS A 4 -3.64 2.72 8.02
CA LYS A 4 -3.18 4.04 8.45
C LYS A 4 -2.93 4.06 9.96
N LEU A 5 -3.26 2.96 10.62
CA LEU A 5 -3.01 2.83 12.05
C LEU A 5 -1.68 2.11 12.31
N ILE A 6 -1.13 1.52 11.27
CA ILE A 6 0.11 0.74 11.39
C ILE A 6 1.33 1.65 11.32
N LEU A 7 2.06 1.73 12.43
CA LEU A 7 3.25 2.57 12.50
C LEU A 7 4.46 1.85 11.91
N ASN A 8 4.41 0.52 11.91
CA ASN A 8 5.51 -0.28 11.39
C ASN A 8 5.46 -0.36 9.86
N LEU A 9 6.46 0.22 9.21
CA LEU A 9 6.52 0.27 7.76
C LEU A 9 6.41 -1.13 7.16
N LYS A 10 7.06 -2.09 7.81
CA LYS A 10 7.05 -3.47 7.35
C LYS A 10 5.63 -4.01 7.24
N GLN A 11 4.90 -3.96 8.35
CA GLN A 11 3.53 -4.46 8.39
C GLN A 11 2.62 -3.61 7.51
N ALA A 12 2.89 -2.31 7.45
CA ALA A 12 2.10 -1.39 6.65
C ALA A 12 2.19 -1.75 5.17
N LYS A 13 3.39 -2.10 4.72
CA LYS A 13 3.60 -2.54 3.35
C LYS A 13 2.92 -3.88 3.09
N GLU A 14 3.03 -4.78 4.06
CA GLU A 14 2.46 -6.12 3.93
C GLU A 14 0.95 -6.05 3.72
N GLU A 15 0.29 -5.13 4.44
CA GLU A 15 -1.15 -4.99 4.37
C GLU A 15 -1.57 -4.29 3.08
N ALA A 16 -0.94 -3.15 2.81
CA ALA A 16 -1.27 -2.37 1.62
C ALA A 16 -0.95 -3.14 0.35
N ILE A 17 0.12 -3.93 0.40
CA ILE A 17 0.47 -4.82 -0.71
C ILE A 17 -0.58 -5.91 -0.89
N LYS A 18 -0.90 -6.59 0.20
CA LYS A 18 -1.93 -7.64 0.17
C LYS A 18 -3.20 -7.15 -0.49
N GLU A 19 -3.54 -5.88 -0.25
CA GLU A 19 -4.70 -5.27 -0.88
C GLU A 19 -4.60 -5.36 -2.40
N LEU A 20 -3.46 -4.93 -2.94
CA LEU A 20 -3.26 -4.94 -4.39
C LEU A 20 -3.15 -6.36 -4.92
N VAL A 21 -2.56 -7.24 -4.12
CA VAL A 21 -2.42 -8.64 -4.49
C VAL A 21 -3.79 -9.31 -4.63
N ASP A 22 -4.70 -8.95 -3.75
CA ASP A 22 -6.09 -9.40 -3.84
C ASP A 22 -6.80 -8.74 -5.02
N ALA A 23 -6.47 -7.48 -5.26
CA ALA A 23 -7.04 -6.75 -6.39
C ALA A 23 -6.60 -7.34 -7.72
N GLY A 24 -5.40 -7.93 -7.73
CA GLY A 24 -4.88 -8.59 -8.92
C GLY A 24 -3.87 -7.68 -9.64
N ILE A 25 -3.33 -6.72 -8.93
CA ILE A 25 -2.32 -5.81 -9.49
C ILE A 25 -0.93 -6.15 -8.99
N ALA A 26 -0.09 -6.65 -9.89
CA ALA A 26 1.25 -7.09 -9.54
C ALA A 26 2.27 -5.97 -9.73
N GLU A 27 1.88 -4.95 -10.49
CA GLU A 27 2.80 -3.87 -10.83
C GLU A 27 2.98 -2.90 -9.67
N LYS A 28 1.88 -2.51 -9.04
CA LYS A 28 1.88 -1.36 -8.15
C LYS A 28 2.46 -1.70 -6.79
N TYR A 29 2.11 -2.88 -6.29
CA TYR A 29 2.50 -3.29 -4.95
C TYR A 29 4.02 -3.35 -4.82
N PHE A 30 4.69 -3.71 -5.91
CA PHE A 30 6.14 -3.87 -5.90
C PHE A 30 6.84 -2.53 -6.04
N LYS A 31 6.27 -1.65 -6.87
CA LYS A 31 6.89 -0.37 -7.16
C LYS A 31 6.41 0.71 -6.20
N LEU A 32 5.09 0.91 -6.16
CA LEU A 32 4.50 1.97 -5.34
C LEU A 32 4.81 1.76 -3.87
N ILE A 33 4.43 0.60 -3.35
CA ILE A 33 4.35 0.39 -1.91
C ILE A 33 5.61 -0.26 -1.37
N ALA A 34 5.97 -1.40 -1.94
CA ALA A 34 7.10 -2.19 -1.45
C ALA A 34 8.37 -1.37 -1.45
N ASN A 35 8.44 -0.38 -2.33
CA ASN A 35 9.62 0.47 -2.44
C ASN A 35 9.39 1.83 -1.82
N ALA A 36 8.50 1.88 -0.83
CA ALA A 36 8.23 3.12 -0.10
C ALA A 36 9.32 3.39 0.93
N LYS A 37 9.51 4.66 1.25
CA LYS A 37 10.54 5.07 2.20
C LYS A 37 9.95 5.36 3.57
N THR A 38 8.72 5.87 3.58
CA THR A 38 8.06 6.24 4.83
C THR A 38 6.75 5.49 4.99
N VAL A 39 6.31 5.33 6.24
CA VAL A 39 5.03 4.68 6.53
C VAL A 39 3.88 5.62 6.26
N GLU A 40 4.14 6.92 6.31
CA GLU A 40 3.15 7.93 5.94
C GLU A 40 2.90 7.92 4.43
N GLY A 41 3.94 7.65 3.67
CA GLY A 41 3.81 7.43 2.23
C GLY A 41 2.88 6.26 1.95
N VAL A 42 3.07 5.15 2.67
CA VAL A 42 2.23 3.98 2.53
C VAL A 42 0.80 4.27 2.95
N TRP A 43 0.65 5.04 4.02
CA TRP A 43 -0.67 5.48 4.47
C TRP A 43 -1.41 6.22 3.36
N THR A 44 -0.71 7.09 2.65
CA THR A 44 -1.28 7.81 1.52
C THR A 44 -1.62 6.86 0.37
N TYR A 45 -0.73 5.89 0.14
CA TYR A 45 -0.91 4.94 -0.95
C TYR A 45 -2.21 4.17 -0.81
N LYS A 46 -2.65 3.98 0.43
CA LYS A 46 -3.92 3.32 0.70
C LYS A 46 -5.06 3.99 -0.05
N ASP A 47 -5.03 5.32 -0.11
CA ASP A 47 -6.05 6.08 -0.80
C ASP A 47 -6.02 5.81 -2.31
N GLU A 48 -4.82 5.65 -2.85
CA GLU A 48 -4.65 5.39 -4.27
C GLU A 48 -5.09 3.98 -4.64
N ILE A 49 -4.75 3.03 -3.79
CA ILE A 49 -5.04 1.63 -4.07
C ILE A 49 -6.47 1.27 -3.67
N LYS A 50 -7.12 2.16 -2.94
CA LYS A 50 -8.54 2.06 -2.67
C LYS A 50 -9.35 2.03 -3.97
N THR A 51 -9.12 3.02 -4.81
CA THR A 51 -9.76 3.07 -6.12
C THR A 51 -9.39 1.87 -6.97
N PHE A 52 -8.12 1.47 -6.89
CA PHE A 52 -7.63 0.32 -7.65
C PHE A 52 -8.45 -0.93 -7.34
N THR A 53 -8.70 -1.15 -6.05
CA THR A 53 -9.50 -2.30 -5.61
C THR A 53 -10.93 -2.20 -6.14
N VAL A 54 -11.48 -0.99 -6.12
CA VAL A 54 -12.83 -0.75 -6.60
C VAL A 54 -12.95 -1.05 -8.09
N THR A 55 -11.93 -0.65 -8.85
CA THR A 55 -11.95 -0.79 -10.30
C THR A 55 -11.55 -2.20 -10.71
N GLU A 56 -10.88 -2.91 -9.82
CA GLU A 56 -10.50 -4.30 -10.06
C GLU A 56 -11.58 -5.25 -9.58
N THR A 1 -3.48 -0.27 9.99
CA THR A 1 -2.97 0.27 8.75
C THR A 1 -2.85 1.79 8.80
N THR A 2 -3.62 2.41 9.70
CA THR A 2 -3.56 3.84 9.90
C THR A 2 -2.16 4.30 10.28
N TYR A 3 -1.62 5.23 9.51
CA TYR A 3 -0.23 5.63 9.64
C TYR A 3 0.05 6.26 11.00
N LYS A 4 -1.00 6.80 11.62
CA LYS A 4 -0.90 7.38 12.95
C LYS A 4 -0.71 6.30 14.00
N LEU A 5 -1.12 5.08 13.67
CA LEU A 5 -1.10 3.98 14.63
C LEU A 5 0.05 3.04 14.38
N ILE A 6 0.47 2.94 13.12
CA ILE A 6 1.53 2.02 12.73
C ILE A 6 2.90 2.63 12.98
N LEU A 7 3.75 1.89 13.69
CA LEU A 7 5.09 2.36 14.01
C LEU A 7 6.06 2.11 12.87
N ASN A 8 6.17 0.85 12.46
CA ASN A 8 7.21 0.43 11.52
C ASN A 8 6.67 0.38 10.10
N LEU A 9 7.54 0.66 9.13
CA LEU A 9 7.18 0.57 7.72
C LEU A 9 6.69 -0.82 7.36
N LYS A 10 7.43 -1.83 7.79
CA LYS A 10 7.07 -3.22 7.52
C LYS A 10 5.64 -3.51 7.96
N GLN A 11 5.27 -3.00 9.13
CA GLN A 11 3.93 -3.21 9.67
C GLN A 11 2.86 -2.66 8.74
N ALA A 12 3.13 -1.49 8.16
CA ALA A 12 2.18 -0.84 7.27
C ALA A 12 2.09 -1.59 5.94
N LYS A 13 3.24 -1.79 5.31
CA LYS A 13 3.27 -2.35 3.95
C LYS A 13 2.79 -3.80 3.94
N GLU A 14 2.89 -4.46 5.09
CA GLU A 14 2.46 -5.85 5.21
C GLU A 14 1.02 -6.03 4.73
N GLU A 15 0.13 -5.16 5.21
CA GLU A 15 -1.29 -5.26 4.87
C GLU A 15 -1.57 -4.60 3.53
N ALA A 16 -0.83 -3.53 3.24
CA ALA A 16 -1.01 -2.80 1.98
C ALA A 16 -0.66 -3.68 0.79
N ILE A 17 0.37 -4.50 0.94
CA ILE A 17 0.75 -5.46 -0.10
C ILE A 17 -0.35 -6.51 -0.31
N LYS A 18 -0.95 -6.95 0.78
CA LYS A 18 -2.09 -7.87 0.71
C LYS A 18 -3.25 -7.24 -0.05
N GLU A 19 -3.43 -5.94 0.13
CA GLU A 19 -4.49 -5.21 -0.55
C GLU A 19 -4.18 -5.02 -2.04
N LEU A 20 -2.89 -4.86 -2.34
CA LEU A 20 -2.44 -4.79 -3.72
C LEU A 20 -2.67 -6.10 -4.46
N VAL A 21 -2.51 -7.21 -3.74
CA VAL A 21 -2.79 -8.53 -4.29
C VAL A 21 -4.28 -8.70 -4.55
N ASP A 22 -5.10 -8.34 -3.56
CA ASP A 22 -6.55 -8.45 -3.68
C ASP A 22 -7.07 -7.56 -4.81
N ALA A 23 -6.51 -6.36 -4.92
CA ALA A 23 -6.88 -5.43 -5.98
C ALA A 23 -6.37 -5.92 -7.34
N GLY A 24 -5.21 -6.57 -7.33
CA GLY A 24 -4.60 -7.08 -8.55
C GLY A 24 -3.78 -6.00 -9.24
N ILE A 25 -3.10 -5.17 -8.45
CA ILE A 25 -2.34 -4.06 -8.98
C ILE A 25 -0.87 -4.42 -9.11
N ALA A 26 -0.52 -5.09 -10.19
CA ALA A 26 0.83 -5.63 -10.36
C ALA A 26 1.86 -4.51 -10.38
N GLU A 27 1.56 -3.44 -11.10
CA GLU A 27 2.49 -2.33 -11.26
C GLU A 27 2.95 -1.80 -9.90
N LYS A 28 1.99 -1.42 -9.06
CA LYS A 28 2.31 -0.83 -7.77
C LYS A 28 2.70 -1.90 -6.75
N TYR A 29 2.38 -3.15 -7.06
CA TYR A 29 2.79 -4.28 -6.24
C TYR A 29 4.31 -4.43 -6.22
N PHE A 30 4.92 -4.25 -7.39
CA PHE A 30 6.36 -4.44 -7.55
C PHE A 30 7.11 -3.12 -7.40
N LYS A 31 6.48 -2.05 -7.84
CA LYS A 31 7.17 -0.77 -7.98
C LYS A 31 6.89 0.14 -6.79
N LEU A 32 5.62 0.46 -6.57
CA LEU A 32 5.25 1.54 -5.66
C LEU A 32 5.56 1.16 -4.22
N ILE A 33 4.98 0.06 -3.75
CA ILE A 33 5.11 -0.35 -2.37
C ILE A 33 6.55 -0.69 -2.02
N ALA A 34 7.33 -1.05 -3.04
CA ALA A 34 8.75 -1.30 -2.87
C ALA A 34 9.53 -0.01 -2.63
N ASN A 35 8.97 1.10 -3.12
CA ASN A 35 9.60 2.40 -2.96
C ASN A 35 9.04 3.14 -1.76
N ALA A 36 8.23 2.46 -0.97
CA ALA A 36 7.68 3.03 0.25
C ALA A 36 8.78 3.50 1.18
N LYS A 37 8.61 4.70 1.74
CA LYS A 37 9.64 5.32 2.56
C LYS A 37 9.20 5.42 4.02
N THR A 38 7.90 5.45 4.23
CA THR A 38 7.35 5.52 5.58
C THR A 38 5.90 5.06 5.62
N VAL A 39 5.32 5.02 6.81
CA VAL A 39 4.00 4.43 7.01
C VAL A 39 2.91 5.34 6.47
N GLU A 40 3.18 6.64 6.43
CA GLU A 40 2.25 7.61 5.87
C GLU A 40 2.12 7.44 4.37
N GLY A 41 3.25 7.18 3.71
CA GLY A 41 3.25 6.93 2.27
C GLY A 41 2.48 5.65 1.93
N VAL A 42 2.68 4.62 2.73
CA VAL A 42 1.96 3.36 2.54
C VAL A 42 0.46 3.55 2.75
N TRP A 43 0.11 4.34 3.76
CA TRP A 43 -1.29 4.67 4.02
C TRP A 43 -1.91 5.40 2.82
N THR A 44 -1.13 6.29 2.22
CA THR A 44 -1.56 6.95 0.99
C THR A 44 -1.76 5.96 -0.14
N TYR A 45 -0.87 4.98 -0.22
CA TYR A 45 -0.98 3.93 -1.23
C TYR A 45 -2.27 3.14 -1.08
N LYS A 46 -2.67 2.92 0.17
CA LYS A 46 -3.95 2.28 0.46
C LYS A 46 -5.10 3.06 -0.15
N ASP A 47 -5.07 4.38 -0.01
CA ASP A 47 -6.07 5.24 -0.60
C ASP A 47 -6.08 5.12 -2.12
N GLU A 48 -4.90 4.92 -2.70
CA GLU A 48 -4.77 4.75 -4.14
C GLU A 48 -5.33 3.40 -4.58
N ILE A 49 -5.23 2.42 -3.68
CA ILE A 49 -5.85 1.11 -3.93
C ILE A 49 -7.37 1.22 -3.97
N LYS A 50 -7.94 2.02 -3.08
CA LYS A 50 -9.34 2.34 -3.13
C LYS A 50 -9.71 3.06 -4.42
N THR A 51 -8.87 4.02 -4.82
CA THR A 51 -9.06 4.73 -6.07
C THR A 51 -9.05 3.77 -7.26
N PHE A 52 -8.14 2.81 -7.23
CA PHE A 52 -8.07 1.79 -8.27
C PHE A 52 -9.40 1.07 -8.42
N THR A 53 -9.95 0.61 -7.29
CA THR A 53 -11.23 -0.09 -7.29
C THR A 53 -12.33 0.78 -7.88
N VAL A 54 -12.32 2.06 -7.53
CA VAL A 54 -13.31 3.00 -8.04
C VAL A 54 -13.17 3.20 -9.55
N THR A 55 -11.93 3.27 -10.01
CA THR A 55 -11.65 3.56 -11.41
C THR A 55 -11.49 2.27 -12.21
N GLU A 56 -11.46 1.15 -11.51
CA GLU A 56 -11.28 -0.15 -12.15
C GLU A 56 -12.19 -0.29 -13.37
N THR A 1 -9.35 4.49 7.62
CA THR A 1 -8.02 4.83 8.14
C THR A 1 -7.36 3.64 8.79
N THR A 2 -7.73 2.44 8.33
CA THR A 2 -7.22 1.20 8.92
C THR A 2 -5.70 1.20 8.96
N TYR A 3 -5.08 1.53 7.83
CA TYR A 3 -3.63 1.52 7.72
C TYR A 3 -3.03 2.86 8.10
N LYS A 4 -3.85 3.90 8.05
CA LYS A 4 -3.40 5.25 8.40
C LYS A 4 -3.20 5.38 9.91
N LEU A 5 -3.76 4.44 10.66
CA LEU A 5 -3.58 4.42 12.10
C LEU A 5 -2.39 3.55 12.50
N ILE A 6 -1.80 2.89 11.51
CA ILE A 6 -0.65 2.01 11.75
C ILE A 6 0.67 2.77 11.60
N LEU A 7 1.37 2.95 12.71
CA LEU A 7 2.66 3.63 12.70
C LEU A 7 3.76 2.70 12.24
N ASN A 8 3.55 1.40 12.40
CA ASN A 8 4.55 0.40 12.05
C ASN A 8 4.64 0.22 10.54
N LEU A 9 5.81 0.50 9.98
CA LEU A 9 6.02 0.44 8.55
C LEU A 9 5.78 -0.98 8.02
N LYS A 10 6.45 -1.95 8.63
CA LYS A 10 6.37 -3.33 8.16
C LYS A 10 4.94 -3.83 8.13
N GLN A 11 4.18 -3.50 9.17
CA GLN A 11 2.79 -3.93 9.26
C GLN A 11 1.94 -3.32 8.15
N ALA A 12 1.99 -1.99 8.04
CA ALA A 12 1.20 -1.28 7.04
C ALA A 12 1.68 -1.63 5.63
N LYS A 13 2.97 -1.92 5.50
CA LYS A 13 3.55 -2.27 4.21
C LYS A 13 2.98 -3.57 3.68
N GLU A 14 3.17 -4.65 4.44
CA GLU A 14 2.73 -5.97 4.01
C GLU A 14 1.22 -6.03 3.86
N GLU A 15 0.51 -5.29 4.71
CA GLU A 15 -0.93 -5.15 4.60
C GLU A 15 -1.32 -4.56 3.24
N ALA A 16 -0.72 -3.43 2.91
CA ALA A 16 -1.01 -2.76 1.65
C ALA A 16 -0.65 -3.63 0.46
N ILE A 17 0.43 -4.39 0.60
CA ILE A 17 0.85 -5.31 -0.46
C ILE A 17 -0.20 -6.38 -0.72
N LYS A 18 -0.74 -6.95 0.35
CA LYS A 18 -1.76 -7.99 0.23
C LYS A 18 -3.04 -7.44 -0.40
N GLU A 19 -3.32 -6.16 -0.14
CA GLU A 19 -4.50 -5.51 -0.69
C GLU A 19 -4.37 -5.33 -2.20
N LEU A 20 -3.15 -5.05 -2.66
CA LEU A 20 -2.89 -4.92 -4.08
C LEU A 20 -2.91 -6.28 -4.76
N VAL A 21 -2.54 -7.32 -4.02
CA VAL A 21 -2.68 -8.70 -4.50
C VAL A 21 -4.14 -9.07 -4.70
N ASP A 22 -4.98 -8.70 -3.73
CA ASP A 22 -6.42 -8.93 -3.83
C ASP A 22 -7.03 -8.05 -4.91
N ALA A 23 -6.50 -6.83 -5.05
CA ALA A 23 -6.96 -5.91 -6.09
C ALA A 23 -6.54 -6.38 -7.47
N GLY A 24 -5.42 -7.08 -7.55
CA GLY A 24 -4.92 -7.61 -8.81
C GLY A 24 -4.07 -6.58 -9.54
N ILE A 25 -3.36 -5.76 -8.78
CA ILE A 25 -2.56 -4.67 -9.36
C ILE A 25 -1.08 -5.00 -9.30
N ALA A 26 -0.54 -5.49 -10.40
CA ALA A 26 0.85 -5.93 -10.45
C ALA A 26 1.82 -4.76 -10.43
N GLU A 27 1.47 -3.72 -11.19
CA GLU A 27 2.33 -2.54 -11.31
C GLU A 27 2.66 -1.95 -9.95
N LYS A 28 1.63 -1.72 -9.15
CA LYS A 28 1.79 -1.07 -7.85
C LYS A 28 2.24 -2.07 -6.79
N TYR A 29 1.87 -3.34 -6.98
CA TYR A 29 2.32 -4.40 -6.09
C TYR A 29 3.81 -4.33 -5.84
N PHE A 30 4.57 -4.04 -6.89
CA PHE A 30 6.02 -3.86 -6.76
C PHE A 30 6.40 -2.39 -6.73
N LYS A 31 6.21 -1.71 -7.85
CA LYS A 31 6.79 -0.38 -8.04
C LYS A 31 6.38 0.57 -6.93
N LEU A 32 5.08 0.65 -6.67
CA LEU A 32 4.54 1.66 -5.77
C LEU A 32 5.13 1.52 -4.37
N ILE A 33 4.90 0.37 -3.75
CA ILE A 33 5.22 0.18 -2.34
C ILE A 33 6.71 -0.01 -2.13
N ALA A 34 7.39 -0.55 -3.13
CA ALA A 34 8.83 -0.75 -3.06
C ALA A 34 9.57 0.58 -2.99
N ASN A 35 8.93 1.63 -3.49
CA ASN A 35 9.52 2.97 -3.49
C ASN A 35 9.17 3.73 -2.24
N ALA A 36 8.44 3.09 -1.33
CA ALA A 36 8.08 3.70 -0.06
C ALA A 36 9.31 3.98 0.80
N LYS A 37 9.37 5.17 1.38
CA LYS A 37 10.45 5.52 2.30
C LYS A 37 9.93 5.64 3.72
N THR A 38 8.64 5.94 3.86
CA THR A 38 8.01 6.07 5.17
C THR A 38 6.70 5.32 5.23
N VAL A 39 6.16 5.16 6.44
CA VAL A 39 4.83 4.62 6.64
C VAL A 39 3.76 5.62 6.22
N GLU A 40 4.12 6.90 6.21
CA GLU A 40 3.24 7.94 5.72
C GLU A 40 3.03 7.83 4.21
N GLY A 41 4.08 7.43 3.51
CA GLY A 41 3.96 7.07 2.10
C GLY A 41 2.97 5.94 1.90
N VAL A 42 3.06 4.92 2.75
CA VAL A 42 2.14 3.80 2.71
C VAL A 42 0.71 4.25 3.01
N TRP A 43 0.56 5.18 3.95
CA TRP A 43 -0.74 5.75 4.28
C TRP A 43 -1.41 6.34 3.05
N THR A 44 -0.62 7.03 2.23
CA THR A 44 -1.10 7.55 0.95
C THR A 44 -1.46 6.42 -0.01
N TYR A 45 -0.63 5.38 -0.02
CA TYR A 45 -0.83 4.25 -0.92
C TYR A 45 -2.13 3.53 -0.61
N LYS A 46 -2.54 3.57 0.66
CA LYS A 46 -3.84 3.04 1.05
C LYS A 46 -4.96 3.59 0.20
N ASP A 47 -4.96 4.91 0.01
CA ASP A 47 -5.98 5.57 -0.78
C ASP A 47 -5.83 5.25 -2.26
N GLU A 48 -4.60 5.05 -2.69
CA GLU A 48 -4.33 4.61 -4.06
C GLU A 48 -4.87 3.20 -4.29
N ILE A 49 -4.82 2.36 -3.27
CA ILE A 49 -5.41 1.03 -3.32
C ILE A 49 -6.93 1.11 -3.45
N LYS A 50 -7.54 1.98 -2.66
CA LYS A 50 -8.98 2.19 -2.73
C LYS A 50 -9.43 2.52 -4.14
N THR A 51 -8.63 3.32 -4.83
CA THR A 51 -8.92 3.68 -6.22
C THR A 51 -9.00 2.43 -7.10
N PHE A 52 -8.08 1.50 -6.86
CA PHE A 52 -8.02 0.28 -7.65
C PHE A 52 -9.11 -0.71 -7.23
N THR A 53 -9.52 -0.63 -5.96
CA THR A 53 -10.64 -1.41 -5.47
C THR A 53 -11.95 -1.00 -6.14
N VAL A 54 -12.12 0.31 -6.33
CA VAL A 54 -13.27 0.83 -7.05
C VAL A 54 -13.19 0.48 -8.53
N THR A 55 -11.99 0.58 -9.11
CA THR A 55 -11.79 0.22 -10.50
C THR A 55 -12.16 -1.24 -10.75
N GLU A 56 -11.73 -2.12 -9.85
CA GLU A 56 -12.04 -3.54 -9.97
C GLU A 56 -13.54 -3.78 -9.94
N THR A 1 0.84 -0.39 17.54
CA THR A 1 0.02 0.47 16.69
C THR A 1 -1.36 0.68 17.28
N THR A 2 -1.69 1.93 17.58
CA THR A 2 -3.01 2.27 18.13
C THR A 2 -3.88 2.94 17.08
N TYR A 3 -3.36 3.03 15.86
CA TYR A 3 -4.05 3.72 14.78
C TYR A 3 -4.46 2.76 13.68
N LYS A 4 -5.35 3.22 12.80
CA LYS A 4 -5.74 2.44 11.63
C LYS A 4 -4.54 2.19 10.71
N LEU A 5 -3.59 3.13 10.72
CA LEU A 5 -2.36 2.98 9.97
C LEU A 5 -1.29 2.28 10.79
N ILE A 6 -0.73 1.20 10.24
CA ILE A 6 0.36 0.50 10.89
C ILE A 6 1.60 1.38 11.02
N LEU A 7 2.09 1.51 12.24
CA LEU A 7 3.18 2.43 12.53
C LEU A 7 4.53 1.81 12.15
N ASN A 8 4.56 0.48 12.07
CA ASN A 8 5.75 -0.22 11.61
C ASN A 8 5.78 -0.30 10.08
N LEU A 9 6.72 0.41 9.48
CA LEU A 9 6.81 0.50 8.03
C LEU A 9 6.83 -0.89 7.40
N LYS A 10 7.51 -1.82 8.06
CA LYS A 10 7.63 -3.18 7.55
C LYS A 10 6.26 -3.84 7.39
N GLN A 11 5.54 -3.94 8.51
CA GLN A 11 4.21 -4.54 8.50
C GLN A 11 3.23 -3.74 7.66
N ALA A 12 3.45 -2.43 7.61
CA ALA A 12 2.61 -1.55 6.80
C ALA A 12 2.72 -1.88 5.32
N LYS A 13 3.94 -2.12 4.86
CA LYS A 13 4.19 -2.53 3.48
C LYS A 13 3.61 -3.92 3.21
N GLU A 14 3.77 -4.82 4.19
CA GLU A 14 3.31 -6.20 4.03
C GLU A 14 1.81 -6.26 3.80
N GLU A 15 1.07 -5.51 4.61
CA GLU A 15 -0.39 -5.51 4.52
C GLU A 15 -0.87 -4.73 3.30
N ALA A 16 -0.14 -3.66 2.97
CA ALA A 16 -0.45 -2.87 1.78
C ALA A 16 -0.23 -3.68 0.52
N ILE A 17 0.78 -4.55 0.53
CA ILE A 17 1.00 -5.49 -0.57
C ILE A 17 -0.18 -6.43 -0.74
N LYS A 18 -0.69 -6.95 0.38
CA LYS A 18 -1.84 -7.83 0.34
C LYS A 18 -3.05 -7.14 -0.26
N GLU A 19 -3.23 -5.87 0.07
CA GLU A 19 -4.35 -5.09 -0.45
C GLU A 19 -4.16 -4.78 -1.93
N LEU A 20 -2.93 -4.47 -2.32
CA LEU A 20 -2.63 -4.17 -3.72
C LEU A 20 -2.82 -5.40 -4.61
N VAL A 21 -2.35 -6.54 -4.12
CA VAL A 21 -2.53 -7.80 -4.83
C VAL A 21 -4.01 -8.15 -4.98
N ASP A 22 -4.75 -8.03 -3.89
CA ASP A 22 -6.18 -8.30 -3.90
C ASP A 22 -6.92 -7.33 -4.83
N ALA A 23 -6.42 -6.11 -4.91
CA ALA A 23 -6.99 -5.11 -5.81
C ALA A 23 -6.76 -5.50 -7.26
N GLY A 24 -5.70 -6.25 -7.52
CA GLY A 24 -5.33 -6.64 -8.87
C GLY A 24 -4.27 -5.71 -9.44
N ILE A 25 -3.54 -5.04 -8.56
CA ILE A 25 -2.55 -4.04 -8.97
C ILE A 25 -1.15 -4.64 -8.99
N ALA A 26 -0.80 -5.27 -10.09
CA ALA A 26 0.44 -6.04 -10.18
C ALA A 26 1.66 -5.13 -10.05
N GLU A 27 1.53 -3.90 -10.52
CA GLU A 27 2.67 -2.99 -10.64
C GLU A 27 3.13 -2.53 -9.26
N LYS A 28 2.19 -2.07 -8.44
CA LYS A 28 2.53 -1.26 -7.27
C LYS A 28 2.95 -2.14 -6.10
N TYR A 29 2.37 -3.33 -6.02
CA TYR A 29 2.61 -4.22 -4.89
C TYR A 29 4.05 -4.71 -4.86
N PHE A 30 4.71 -4.67 -6.02
CA PHE A 30 6.07 -5.15 -6.15
C PHE A 30 7.06 -4.00 -6.06
N LYS A 31 6.78 -2.93 -6.79
CA LYS A 31 7.71 -1.80 -6.90
C LYS A 31 7.35 -0.69 -5.92
N LEU A 32 6.16 -0.13 -6.08
CA LEU A 32 5.81 1.12 -5.41
C LEU A 32 5.86 0.97 -3.89
N ILE A 33 5.05 0.06 -3.37
CA ILE A 33 4.88 -0.08 -1.92
C ILE A 33 6.19 -0.52 -1.26
N ALA A 34 7.00 -1.25 -2.01
CA ALA A 34 8.27 -1.75 -1.49
C ALA A 34 9.29 -0.61 -1.32
N ASN A 35 9.10 0.45 -2.10
CA ASN A 35 10.07 1.54 -2.13
C ASN A 35 9.56 2.73 -1.32
N ALA A 36 8.47 2.54 -0.60
CA ALA A 36 7.93 3.57 0.27
C ALA A 36 8.88 3.89 1.41
N LYS A 37 8.96 5.16 1.77
CA LYS A 37 9.96 5.63 2.73
C LYS A 37 9.36 5.87 4.10
N THR A 38 8.02 5.88 4.16
CA THR A 38 7.31 6.14 5.40
C THR A 38 5.89 5.59 5.35
N VAL A 39 5.27 5.45 6.52
CA VAL A 39 3.95 4.85 6.61
C VAL A 39 2.88 5.78 6.06
N GLU A 40 3.20 7.07 5.99
CA GLU A 40 2.28 8.06 5.45
C GLU A 40 2.00 7.81 3.97
N GLY A 41 3.05 7.47 3.23
CA GLY A 41 2.90 7.14 1.82
C GLY A 41 2.16 5.83 1.63
N VAL A 42 2.37 4.90 2.56
CA VAL A 42 1.66 3.62 2.53
C VAL A 42 0.15 3.81 2.63
N TRP A 43 -0.27 4.66 3.57
CA TRP A 43 -1.68 4.94 3.74
C TRP A 43 -2.27 5.65 2.53
N THR A 44 -1.46 6.51 1.91
CA THR A 44 -1.85 7.17 0.67
C THR A 44 -2.10 6.15 -0.44
N TYR A 45 -1.24 5.13 -0.51
CA TYR A 45 -1.37 4.08 -1.51
C TYR A 45 -2.64 3.26 -1.29
N LYS A 46 -3.03 3.13 -0.03
CA LYS A 46 -4.30 2.50 0.31
C LYS A 46 -5.48 3.32 -0.23
N ASP A 47 -5.36 4.64 -0.14
CA ASP A 47 -6.35 5.54 -0.72
C ASP A 47 -6.38 5.40 -2.24
N GLU A 48 -5.22 5.17 -2.82
CA GLU A 48 -5.12 4.93 -4.26
C GLU A 48 -5.83 3.64 -4.65
N ILE A 49 -5.79 2.65 -3.76
CA ILE A 49 -6.54 1.42 -3.95
C ILE A 49 -8.04 1.69 -3.92
N LYS A 50 -8.47 2.51 -2.97
CA LYS A 50 -9.89 2.88 -2.85
C LYS A 50 -10.40 3.54 -4.11
N THR A 51 -9.54 4.35 -4.74
CA THR A 51 -9.91 5.05 -5.96
C THR A 51 -9.63 4.20 -7.19
N PHE A 52 -8.75 3.21 -7.05
CA PHE A 52 -8.48 2.26 -8.11
C PHE A 52 -9.72 1.45 -8.46
N THR A 53 -10.34 0.86 -7.44
CA THR A 53 -11.50 -0.01 -7.65
C THR A 53 -12.69 0.78 -8.19
N VAL A 54 -12.66 2.09 -7.98
CA VAL A 54 -13.65 2.98 -8.58
C VAL A 54 -13.37 3.21 -10.06
N THR A 55 -12.10 3.40 -10.39
CA THR A 55 -11.70 3.68 -11.76
C THR A 55 -11.31 2.41 -12.50
N GLU A 56 -11.40 1.28 -11.81
CA GLU A 56 -11.05 0.00 -12.40
C GLU A 56 -12.03 -0.39 -13.50
N THR A 1 15.98 4.29 5.81
CA THR A 1 14.76 5.06 6.07
C THR A 1 14.11 4.65 7.39
N THR A 2 12.90 5.14 7.62
CA THR A 2 12.14 4.78 8.81
C THR A 2 11.55 3.38 8.69
N TYR A 3 11.55 2.86 7.46
CA TYR A 3 11.03 1.51 7.22
C TYR A 3 11.76 0.47 8.06
N LYS A 4 13.08 0.52 8.04
CA LYS A 4 13.90 -0.42 8.79
C LYS A 4 13.99 -0.06 10.26
N LEU A 5 13.76 1.22 10.55
CA LEU A 5 13.86 1.73 11.92
C LEU A 5 12.63 1.34 12.74
N ILE A 6 11.49 1.28 12.07
CA ILE A 6 10.23 1.01 12.76
C ILE A 6 9.56 -0.24 12.23
N LEU A 7 9.41 -1.25 13.09
CA LEU A 7 8.85 -2.52 12.69
C LEU A 7 7.38 -2.38 12.31
N ASN A 8 6.71 -1.38 12.90
CA ASN A 8 5.31 -1.11 12.60
C ASN A 8 5.14 -0.67 11.15
N LEU A 9 6.17 -0.03 10.61
CA LEU A 9 6.14 0.40 9.22
C LEU A 9 6.35 -0.76 8.26
N LYS A 10 7.08 -1.77 8.71
CA LYS A 10 7.21 -3.02 7.97
C LYS A 10 5.88 -3.76 7.89
N GLN A 11 5.14 -3.75 8.98
CA GLN A 11 3.81 -4.36 9.01
C GLN A 11 2.84 -3.57 8.15
N ALA A 12 2.94 -2.24 8.21
CA ALA A 12 2.12 -1.37 7.38
C ALA A 12 2.29 -1.70 5.90
N LYS A 13 3.55 -1.89 5.49
CA LYS A 13 3.85 -2.27 4.11
C LYS A 13 3.17 -3.59 3.75
N GLU A 14 3.32 -4.58 4.62
CA GLU A 14 2.77 -5.91 4.36
C GLU A 14 1.27 -5.86 4.14
N GLU A 15 0.60 -4.97 4.88
CA GLU A 15 -0.84 -4.76 4.71
C GLU A 15 -1.16 -4.27 3.31
N ALA A 16 -0.46 -3.21 2.88
CA ALA A 16 -0.69 -2.60 1.58
C ALA A 16 -0.32 -3.55 0.45
N ILE A 17 0.65 -4.42 0.71
CA ILE A 17 1.04 -5.45 -0.24
C ILE A 17 -0.12 -6.40 -0.54
N LYS A 18 -0.75 -6.90 0.52
CA LYS A 18 -1.87 -7.81 0.38
C LYS A 18 -3.10 -7.09 -0.19
N GLU A 19 -3.18 -5.79 0.07
CA GLU A 19 -4.26 -4.98 -0.47
C GLU A 19 -4.11 -4.74 -1.96
N LEU A 20 -2.86 -4.63 -2.41
CA LEU A 20 -2.56 -4.57 -3.84
C LEU A 20 -2.87 -5.89 -4.53
N VAL A 21 -2.65 -6.99 -3.81
CA VAL A 21 -3.06 -8.31 -4.29
C VAL A 21 -4.57 -8.40 -4.45
N ASP A 22 -5.29 -7.90 -3.46
CA ASP A 22 -6.74 -7.85 -3.52
C ASP A 22 -7.22 -6.92 -4.62
N ALA A 23 -6.51 -5.82 -4.80
CA ALA A 23 -6.80 -4.89 -5.90
C ALA A 23 -6.49 -5.52 -7.24
N GLY A 24 -5.50 -6.42 -7.27
CA GLY A 24 -5.15 -7.14 -8.48
C GLY A 24 -4.22 -6.31 -9.37
N ILE A 25 -3.41 -5.48 -8.74
CA ILE A 25 -2.55 -4.55 -9.47
C ILE A 25 -1.09 -4.97 -9.39
N ALA A 26 -0.62 -5.64 -10.44
CA ALA A 26 0.72 -6.23 -10.45
C ALA A 26 1.80 -5.15 -10.53
N GLU A 27 1.58 -4.17 -11.40
CA GLU A 27 2.55 -3.11 -11.62
C GLU A 27 2.89 -2.39 -10.32
N LYS A 28 1.85 -1.99 -9.59
CA LYS A 28 2.03 -1.25 -8.35
C LYS A 28 2.49 -2.16 -7.22
N TYR A 29 2.19 -3.45 -7.36
CA TYR A 29 2.71 -4.46 -6.43
C TYR A 29 4.22 -4.41 -6.35
N PHE A 30 4.86 -4.12 -7.49
CA PHE A 30 6.31 -4.12 -7.57
C PHE A 30 6.87 -2.71 -7.52
N LYS A 31 6.05 -1.74 -7.94
CA LYS A 31 6.47 -0.36 -8.03
C LYS A 31 6.05 0.45 -6.81
N LEU A 32 4.74 0.50 -6.58
CA LEU A 32 4.17 1.43 -5.60
C LEU A 32 4.64 1.09 -4.19
N ILE A 33 4.32 -0.12 -3.74
CA ILE A 33 4.56 -0.50 -2.35
C ILE A 33 6.05 -0.70 -2.09
N ALA A 34 6.82 -0.91 -3.16
CA ALA A 34 8.25 -1.12 -3.05
C ALA A 34 8.94 0.13 -2.50
N ASN A 35 8.31 1.28 -2.71
CA ASN A 35 8.89 2.56 -2.32
C ASN A 35 8.39 3.01 -0.95
N ALA A 36 7.76 2.08 -0.22
CA ALA A 36 7.25 2.38 1.11
C ALA A 36 8.38 2.73 2.07
N LYS A 37 8.33 3.95 2.60
CA LYS A 37 9.31 4.40 3.58
C LYS A 37 8.67 4.69 4.93
N THR A 38 7.55 5.41 4.90
CA THR A 38 6.82 5.74 6.11
C THR A 38 5.42 5.14 6.09
N VAL A 39 4.78 5.09 7.25
CA VAL A 39 3.39 4.65 7.34
C VAL A 39 2.45 5.63 6.65
N GLU A 40 2.89 6.89 6.53
CA GLU A 40 2.14 7.90 5.80
C GLU A 40 2.23 7.67 4.29
N GLY A 41 3.39 7.23 3.84
CA GLY A 41 3.55 6.79 2.46
C GLY A 41 2.69 5.57 2.16
N VAL A 42 2.63 4.65 3.12
CA VAL A 42 1.76 3.48 3.00
C VAL A 42 0.30 3.88 2.97
N TRP A 43 -0.06 4.85 3.80
CA TRP A 43 -1.42 5.37 3.83
C TRP A 43 -1.81 5.99 2.51
N THR A 44 -0.88 6.72 1.90
CA THR A 44 -1.06 7.23 0.55
C THR A 44 -1.24 6.11 -0.45
N TYR A 45 -0.48 5.03 -0.28
CA TYR A 45 -0.60 3.85 -1.13
C TYR A 45 -1.95 3.18 -0.96
N LYS A 46 -2.45 3.18 0.28
CA LYS A 46 -3.78 2.65 0.55
C LYS A 46 -4.88 3.51 -0.05
N ASP A 47 -4.63 4.81 -0.10
CA ASP A 47 -5.55 5.74 -0.76
C ASP A 47 -5.60 5.49 -2.26
N GLU A 48 -4.45 5.10 -2.82
CA GLU A 48 -4.39 4.71 -4.23
C GLU A 48 -5.06 3.37 -4.46
N ILE A 49 -4.86 2.44 -3.52
CA ILE A 49 -5.48 1.12 -3.60
C ILE A 49 -7.00 1.23 -3.58
N LYS A 50 -7.52 2.14 -2.79
CA LYS A 50 -8.95 2.43 -2.76
C LYS A 50 -9.50 2.65 -4.16
N THR A 51 -8.75 3.42 -4.96
CA THR A 51 -9.11 3.64 -6.35
C THR A 51 -8.90 2.37 -7.18
N PHE A 52 -7.84 1.64 -6.88
CA PHE A 52 -7.48 0.45 -7.65
C PHE A 52 -8.58 -0.59 -7.60
N THR A 53 -9.27 -0.66 -6.46
CA THR A 53 -10.35 -1.63 -6.28
C THR A 53 -11.61 -1.19 -7.00
N VAL A 54 -11.68 0.09 -7.35
CA VAL A 54 -12.79 0.61 -8.14
C VAL A 54 -12.56 0.37 -9.63
N THR A 55 -11.33 0.61 -10.08
CA THR A 55 -10.97 0.40 -11.48
C THR A 55 -10.93 -1.08 -11.82
N GLU A 56 -10.37 -1.87 -10.91
CA GLU A 56 -10.24 -3.31 -11.13
C GLU A 56 -10.90 -4.10 -10.00
N THR A 1 -5.73 3.53 10.57
CA THR A 1 -5.45 3.15 11.95
C THR A 1 -4.25 2.24 12.04
N THR A 2 -4.14 1.30 11.11
CA THR A 2 -3.05 0.34 11.12
C THR A 2 -1.69 1.04 11.11
N TYR A 3 -1.54 2.02 10.21
CA TYR A 3 -0.28 2.74 10.07
C TYR A 3 -0.02 3.63 11.28
N LYS A 4 -1.07 3.94 12.02
CA LYS A 4 -0.94 4.71 13.25
C LYS A 4 -0.47 3.85 14.40
N LEU A 5 -0.84 2.57 14.38
CA LEU A 5 -0.48 1.65 15.45
C LEU A 5 0.84 0.94 15.15
N ILE A 6 1.20 0.87 13.88
CA ILE A 6 2.44 0.24 13.47
C ILE A 6 3.42 1.27 12.90
N LEU A 7 4.53 1.48 13.59
CA LEU A 7 5.55 2.40 13.13
C LEU A 7 6.62 1.67 12.33
N ASN A 8 6.62 0.34 12.40
CA ASN A 8 7.54 -0.47 11.62
C ASN A 8 7.08 -0.58 10.17
N LEU A 9 7.84 0.02 9.27
CA LEU A 9 7.48 0.06 7.85
C LEU A 9 7.23 -1.34 7.31
N LYS A 10 8.05 -2.29 7.73
CA LYS A 10 8.02 -3.64 7.16
C LYS A 10 6.73 -4.35 7.53
N GLN A 11 6.16 -4.00 8.67
CA GLN A 11 4.89 -4.57 9.11
C GLN A 11 3.71 -3.76 8.59
N ALA A 12 3.88 -2.43 8.55
CA ALA A 12 2.81 -1.55 8.12
C ALA A 12 2.52 -1.70 6.63
N LYS A 13 3.56 -1.92 5.85
CA LYS A 13 3.44 -1.99 4.40
C LYS A 13 2.56 -3.16 3.98
N GLU A 14 2.42 -4.14 4.87
CA GLU A 14 1.60 -5.31 4.59
C GLU A 14 0.14 -4.94 4.42
N GLU A 15 -0.26 -3.83 5.02
CA GLU A 15 -1.62 -3.33 4.91
C GLU A 15 -1.97 -2.97 3.47
N ALA A 16 -1.12 -2.13 2.87
CA ALA A 16 -1.30 -1.74 1.48
C ALA A 16 -1.08 -2.91 0.53
N ILE A 17 -0.10 -3.75 0.86
CA ILE A 17 0.20 -4.93 0.05
C ILE A 17 -0.99 -5.88 0.01
N LYS A 18 -1.67 -6.02 1.13
CA LYS A 18 -2.90 -6.81 1.20
C LYS A 18 -3.88 -6.37 0.12
N GLU A 19 -4.04 -5.07 -0.04
CA GLU A 19 -4.98 -4.52 -1.01
C GLU A 19 -4.44 -4.62 -2.43
N LEU A 20 -3.12 -4.53 -2.56
CA LEU A 20 -2.46 -4.68 -3.85
C LEU A 20 -2.63 -6.10 -4.39
N VAL A 21 -2.57 -7.07 -3.48
CA VAL A 21 -2.75 -8.47 -3.86
C VAL A 21 -4.21 -8.79 -4.12
N ASP A 22 -5.08 -8.30 -3.25
CA ASP A 22 -6.52 -8.54 -3.38
C ASP A 22 -7.06 -7.95 -4.68
N ALA A 23 -6.57 -6.77 -5.03
CA ALA A 23 -6.92 -6.14 -6.30
C ALA A 23 -6.22 -6.83 -7.47
N GLY A 24 -5.04 -7.38 -7.20
CA GLY A 24 -4.30 -8.14 -8.21
C GLY A 24 -3.54 -7.22 -9.14
N ILE A 25 -2.91 -6.20 -8.56
CA ILE A 25 -2.16 -5.22 -9.35
C ILE A 25 -0.67 -5.39 -9.15
N ALA A 26 -0.04 -6.15 -10.04
CA ALA A 26 1.38 -6.48 -9.89
C ALA A 26 2.25 -5.26 -10.07
N GLU A 27 1.87 -4.40 -11.03
CA GLU A 27 2.64 -3.19 -11.32
C GLU A 27 2.93 -2.40 -10.05
N LYS A 28 1.88 -2.16 -9.26
CA LYS A 28 2.01 -1.37 -8.04
C LYS A 28 2.53 -2.21 -6.89
N TYR A 29 2.29 -3.51 -6.96
CA TYR A 29 2.84 -4.45 -5.99
C TYR A 29 4.36 -4.35 -5.91
N PHE A 30 4.99 -4.20 -7.06
CA PHE A 30 6.45 -4.17 -7.14
C PHE A 30 6.98 -2.73 -7.11
N LYS A 31 6.18 -1.81 -7.64
CA LYS A 31 6.63 -0.43 -7.83
C LYS A 31 6.15 0.46 -6.69
N LEU A 32 4.84 0.53 -6.52
CA LEU A 32 4.23 1.52 -5.64
C LEU A 32 4.72 1.37 -4.21
N ILE A 33 4.52 0.19 -3.64
CA ILE A 33 4.82 -0.05 -2.23
C ILE A 33 6.32 0.00 -1.97
N ALA A 34 7.11 -0.19 -3.03
CA ALA A 34 8.55 -0.13 -2.93
C ALA A 34 9.02 1.28 -2.58
N ASN A 35 8.19 2.27 -2.91
CA ASN A 35 8.53 3.67 -2.65
C ASN A 35 7.92 4.15 -1.34
N ALA A 36 7.38 3.21 -0.56
CA ALA A 36 6.77 3.53 0.72
C ALA A 36 7.84 3.84 1.77
N LYS A 37 8.32 5.08 1.77
CA LYS A 37 9.37 5.50 2.69
C LYS A 37 8.86 5.52 4.12
N THR A 38 7.58 5.83 4.29
CA THR A 38 6.97 5.92 5.61
C THR A 38 5.69 5.10 5.67
N VAL A 39 5.17 4.92 6.88
CA VAL A 39 3.90 4.23 7.08
C VAL A 39 2.73 5.12 6.65
N GLU A 40 2.97 6.43 6.61
CA GLU A 40 2.01 7.36 6.03
C GLU A 40 1.97 7.26 4.51
N GLY A 41 3.12 6.98 3.91
CA GLY A 41 3.18 6.64 2.49
C GLY A 41 2.40 5.38 2.20
N VAL A 42 2.54 4.38 3.07
CA VAL A 42 1.76 3.15 2.97
C VAL A 42 0.27 3.45 3.01
N TRP A 43 -0.15 4.30 3.94
CA TRP A 43 -1.54 4.71 4.05
C TRP A 43 -2.04 5.33 2.75
N THR A 44 -1.24 6.23 2.19
CA THR A 44 -1.57 6.86 0.92
C THR A 44 -1.71 5.82 -0.19
N TYR A 45 -0.83 4.83 -0.18
CA TYR A 45 -0.80 3.81 -1.22
C TYR A 45 -1.98 2.86 -1.11
N LYS A 46 -2.47 2.70 0.12
CA LYS A 46 -3.74 2.01 0.35
C LYS A 46 -4.90 2.77 -0.29
N ASP A 47 -4.91 4.09 -0.12
CA ASP A 47 -5.91 4.94 -0.74
C ASP A 47 -5.78 4.93 -2.26
N GLU A 48 -4.55 4.79 -2.73
CA GLU A 48 -4.29 4.73 -4.17
C GLU A 48 -4.90 3.48 -4.78
N ILE A 49 -4.52 2.31 -4.25
CA ILE A 49 -5.00 1.04 -4.76
C ILE A 49 -6.50 0.89 -4.54
N LYS A 50 -7.02 1.56 -3.51
CA LYS A 50 -8.45 1.65 -3.30
C LYS A 50 -9.14 2.34 -4.46
N THR A 51 -8.62 3.49 -4.86
CA THR A 51 -9.13 4.21 -6.02
C THR A 51 -8.96 3.39 -7.29
N PHE A 52 -7.82 2.72 -7.41
CA PHE A 52 -7.52 1.91 -8.58
C PHE A 52 -8.57 0.82 -8.78
N THR A 53 -8.94 0.16 -7.70
CA THR A 53 -9.94 -0.90 -7.74
C THR A 53 -11.30 -0.35 -8.15
N VAL A 54 -11.65 0.83 -7.64
CA VAL A 54 -12.91 1.48 -7.98
C VAL A 54 -12.95 1.84 -9.46
N THR A 55 -11.83 2.30 -10.00
CA THR A 55 -11.75 2.74 -11.38
C THR A 55 -11.45 1.57 -12.31
N GLU A 56 -11.00 0.46 -11.72
CA GLU A 56 -10.72 -0.75 -12.49
C GLU A 56 -11.98 -1.28 -13.15
N THR A 1 2.05 14.59 5.39
CA THR A 1 0.90 15.06 4.63
C THR A 1 -0.35 14.27 4.99
N THR A 2 -0.16 13.08 5.52
CA THR A 2 -1.27 12.22 5.91
C THR A 2 -1.55 12.33 7.40
N TYR A 3 -2.80 12.67 7.74
CA TYR A 3 -3.18 12.96 9.11
C TYR A 3 -4.01 11.84 9.72
N LYS A 4 -4.21 10.78 8.94
CA LYS A 4 -4.94 9.61 9.41
C LYS A 4 -4.03 8.65 10.15
N LEU A 5 -4.62 7.69 10.86
CA LEU A 5 -3.87 6.75 11.67
C LEU A 5 -2.82 6.02 10.84
N ILE A 6 -1.55 6.18 11.20
CA ILE A 6 -0.47 5.51 10.50
C ILE A 6 0.07 4.32 11.30
N LEU A 7 0.15 3.17 10.65
CA LEU A 7 0.72 1.98 11.27
C LEU A 7 2.23 1.93 11.08
N ASN A 8 2.91 1.16 11.92
CA ASN A 8 4.35 0.97 11.79
C ASN A 8 4.71 0.51 10.39
N LEU A 9 5.75 1.11 9.82
CA LEU A 9 6.11 0.88 8.43
C LEU A 9 6.01 -0.59 8.07
N LYS A 10 6.55 -1.44 8.94
CA LYS A 10 6.53 -2.88 8.71
C LYS A 10 5.11 -3.39 8.50
N GLN A 11 4.21 -3.01 9.39
CA GLN A 11 2.82 -3.44 9.31
C GLN A 11 2.11 -2.77 8.15
N ALA A 12 2.27 -1.45 8.04
CA ALA A 12 1.60 -0.67 7.00
C ALA A 12 1.97 -1.19 5.61
N LYS A 13 3.22 -1.62 5.46
CA LYS A 13 3.70 -2.19 4.20
C LYS A 13 2.91 -3.44 3.84
N GLU A 14 2.81 -4.37 4.80
CA GLU A 14 2.05 -5.60 4.59
C GLU A 14 0.58 -5.31 4.40
N GLU A 15 0.08 -4.30 5.10
CA GLU A 15 -1.33 -3.90 5.00
C GLU A 15 -1.67 -3.43 3.59
N ALA A 16 -0.77 -2.65 3.00
CA ALA A 16 -0.92 -2.21 1.62
C ALA A 16 -0.84 -3.38 0.65
N ILE A 17 0.10 -4.29 0.92
CA ILE A 17 0.32 -5.45 0.06
C ILE A 17 -0.91 -6.35 0.03
N LYS A 18 -1.61 -6.43 1.16
CA LYS A 18 -2.87 -7.15 1.23
C LYS A 18 -3.88 -6.61 0.23
N GLU A 19 -3.89 -5.29 0.06
CA GLU A 19 -4.80 -4.63 -0.88
C GLU A 19 -4.25 -4.69 -2.30
N LEU A 20 -2.92 -4.71 -2.41
CA LEU A 20 -2.27 -4.75 -3.72
C LEU A 20 -2.55 -6.08 -4.42
N VAL A 21 -2.52 -7.17 -3.66
CA VAL A 21 -2.76 -8.50 -4.20
C VAL A 21 -4.25 -8.72 -4.46
N ASP A 22 -5.08 -8.06 -3.67
CA ASP A 22 -6.52 -8.12 -3.86
C ASP A 22 -6.95 -7.33 -5.09
N ALA A 23 -6.25 -6.23 -5.34
CA ALA A 23 -6.51 -5.41 -6.52
C ALA A 23 -6.21 -6.19 -7.81
N GLY A 24 -5.16 -7.00 -7.77
CA GLY A 24 -4.81 -7.84 -8.90
C GLY A 24 -3.93 -7.07 -9.89
N ILE A 25 -3.47 -5.89 -9.48
CA ILE A 25 -2.65 -5.04 -10.33
C ILE A 25 -1.17 -5.26 -10.06
N ALA A 26 -0.53 -6.06 -10.89
CA ALA A 26 0.85 -6.48 -10.66
C ALA A 26 1.80 -5.29 -10.72
N GLU A 27 1.49 -4.34 -11.60
CA GLU A 27 2.31 -3.15 -11.76
C GLU A 27 2.52 -2.44 -10.42
N LYS A 28 1.41 -2.15 -9.74
CA LYS A 28 1.46 -1.38 -8.50
C LYS A 28 1.88 -2.26 -7.33
N TYR A 29 1.64 -3.55 -7.44
CA TYR A 29 2.05 -4.51 -6.42
C TYR A 29 3.54 -4.37 -6.12
N PHE A 30 4.33 -4.06 -7.14
CA PHE A 30 5.77 -3.91 -6.97
C PHE A 30 6.17 -2.44 -7.06
N LYS A 31 5.44 -1.67 -7.86
CA LYS A 31 5.79 -0.28 -8.13
C LYS A 31 5.35 0.62 -6.99
N LEU A 32 4.05 0.63 -6.71
CA LEU A 32 3.47 1.56 -5.76
C LEU A 32 4.17 1.47 -4.40
N ILE A 33 4.28 0.24 -3.89
CA ILE A 33 4.86 0.03 -2.57
C ILE A 33 6.34 0.40 -2.55
N ALA A 34 6.97 0.35 -3.73
CA ALA A 34 8.38 0.68 -3.84
C ALA A 34 8.60 2.18 -4.01
N ASN A 35 7.51 2.89 -4.28
CA ASN A 35 7.58 4.35 -4.47
C ASN A 35 7.26 5.08 -3.18
N ALA A 36 7.34 4.37 -2.06
CA ALA A 36 7.10 4.97 -0.75
C ALA A 36 8.36 5.66 -0.23
N LYS A 37 8.20 6.87 0.27
CA LYS A 37 9.32 7.65 0.81
C LYS A 37 9.16 7.88 2.31
N THR A 38 7.93 7.80 2.78
CA THR A 38 7.64 7.97 4.20
C THR A 38 6.75 6.85 4.72
N VAL A 39 6.69 6.70 6.04
CA VAL A 39 5.77 5.76 6.67
C VAL A 39 4.33 6.14 6.40
N GLU A 40 4.09 7.42 6.14
CA GLU A 40 2.77 7.89 5.76
C GLU A 40 2.40 7.47 4.35
N GLY A 41 3.37 7.53 3.45
CA GLY A 41 3.19 7.05 2.08
C GLY A 41 2.91 5.55 2.06
N VAL A 42 3.67 4.81 2.85
CA VAL A 42 3.51 3.35 2.92
C VAL A 42 2.07 2.97 3.30
N TRP A 43 1.56 3.62 4.35
CA TRP A 43 0.21 3.34 4.82
C TRP A 43 -0.83 3.82 3.80
N THR A 44 -0.66 5.04 3.32
CA THR A 44 -1.66 5.67 2.47
C THR A 44 -1.85 4.89 1.17
N TYR A 45 -0.77 4.27 0.70
CA TYR A 45 -0.80 3.52 -0.55
C TYR A 45 -1.79 2.37 -0.49
N LYS A 46 -2.06 1.90 0.72
CA LYS A 46 -3.10 0.89 0.93
C LYS A 46 -4.43 1.34 0.37
N ASP A 47 -4.71 2.64 0.47
CA ASP A 47 -5.98 3.20 0.03
C ASP A 47 -5.86 3.73 -1.40
N GLU A 48 -4.63 4.00 -1.83
CA GLU A 48 -4.38 4.46 -3.19
C GLU A 48 -4.74 3.38 -4.21
N ILE A 49 -4.35 2.14 -3.91
CA ILE A 49 -4.61 1.02 -4.82
C ILE A 49 -6.11 0.76 -4.95
N LYS A 50 -6.86 1.12 -3.92
CA LYS A 50 -8.31 1.02 -3.95
C LYS A 50 -8.90 1.92 -5.03
N THR A 51 -8.40 3.15 -5.11
CA THR A 51 -8.77 4.06 -6.18
C THR A 51 -8.31 3.56 -7.54
N PHE A 52 -7.10 3.00 -7.58
CA PHE A 52 -6.54 2.46 -8.81
C PHE A 52 -7.41 1.32 -9.35
N THR A 53 -7.97 0.53 -8.44
CA THR A 53 -8.87 -0.56 -8.82
C THR A 53 -10.17 -0.01 -9.41
N VAL A 54 -10.70 1.04 -8.78
CA VAL A 54 -11.91 1.68 -9.27
C VAL A 54 -11.71 2.30 -10.64
N THR A 55 -10.54 2.90 -10.84
CA THR A 55 -10.25 3.58 -12.10
C THR A 55 -9.66 2.62 -13.13
N GLU A 56 -9.25 1.44 -12.66
CA GLU A 56 -8.73 0.41 -13.54
C GLU A 56 -9.53 0.33 -14.83
N THR A 1 13.81 10.55 9.92
CA THR A 1 13.29 9.22 9.62
C THR A 1 12.32 8.76 10.69
N THR A 2 11.29 9.57 10.94
CA THR A 2 10.28 9.25 11.94
C THR A 2 9.62 7.90 11.64
N TYR A 3 9.46 7.60 10.36
CA TYR A 3 8.76 6.40 9.93
C TYR A 3 9.48 5.14 10.41
N LYS A 4 10.78 5.26 10.64
CA LYS A 4 11.58 4.15 11.15
C LYS A 4 11.26 3.87 12.62
N LEU A 5 10.75 4.89 13.31
CA LEU A 5 10.33 4.73 14.70
C LEU A 5 8.90 4.22 14.79
N ILE A 6 8.24 4.12 13.65
CA ILE A 6 6.88 3.62 13.60
C ILE A 6 6.85 2.10 13.51
N LEU A 7 6.24 1.45 14.50
CA LEU A 7 6.25 0.00 14.60
C LEU A 7 5.35 -0.62 13.53
N ASN A 8 4.46 0.17 12.98
CA ASN A 8 3.56 -0.30 11.93
C ASN A 8 4.12 0.01 10.55
N LEU A 9 5.40 0.35 10.49
CA LEU A 9 6.07 0.61 9.22
C LEU A 9 5.99 -0.59 8.29
N LYS A 10 6.54 -1.71 8.75
CA LYS A 10 6.56 -2.93 7.95
C LYS A 10 5.19 -3.61 7.94
N GLN A 11 4.47 -3.49 9.04
CA GLN A 11 3.11 -3.99 9.14
C GLN A 11 2.23 -3.40 8.04
N ALA A 12 2.26 -2.08 7.91
CA ALA A 12 1.49 -1.39 6.89
C ALA A 12 1.98 -1.75 5.49
N LYS A 13 3.29 -1.88 5.34
CA LYS A 13 3.87 -2.29 4.07
C LYS A 13 3.30 -3.62 3.60
N GLU A 14 3.28 -4.61 4.51
CA GLU A 14 2.81 -5.94 4.16
C GLU A 14 1.30 -5.95 3.93
N GLU A 15 0.58 -5.12 4.67
CA GLU A 15 -0.86 -4.98 4.51
C GLU A 15 -1.20 -4.31 3.18
N ALA A 16 -0.35 -3.37 2.76
CA ALA A 16 -0.53 -2.67 1.50
C ALA A 16 -0.42 -3.62 0.32
N ILE A 17 0.63 -4.43 0.31
CA ILE A 17 0.85 -5.38 -0.78
C ILE A 17 -0.10 -6.57 -0.69
N LYS A 18 -0.61 -6.82 0.51
CA LYS A 18 -1.65 -7.82 0.70
C LYS A 18 -2.94 -7.43 -0.01
N GLU A 19 -3.35 -6.19 0.17
CA GLU A 19 -4.58 -5.68 -0.45
C GLU A 19 -4.39 -5.49 -1.94
N LEU A 20 -3.17 -5.15 -2.35
CA LEU A 20 -2.84 -4.99 -3.76
C LEU A 20 -2.97 -6.31 -4.50
N VAL A 21 -2.49 -7.39 -3.88
CA VAL A 21 -2.67 -8.72 -4.42
C VAL A 21 -4.13 -9.11 -4.49
N ASP A 22 -4.89 -8.73 -3.46
CA ASP A 22 -6.33 -8.97 -3.44
C ASP A 22 -7.02 -8.19 -4.55
N ALA A 23 -6.51 -7.00 -4.86
CA ALA A 23 -7.09 -6.16 -5.89
C ALA A 23 -6.57 -6.53 -7.27
N GLY A 24 -5.45 -7.26 -7.30
CA GLY A 24 -4.87 -7.72 -8.55
C GLY A 24 -4.05 -6.63 -9.20
N ILE A 25 -3.50 -5.72 -8.38
CA ILE A 25 -2.71 -4.61 -8.88
C ILE A 25 -1.23 -4.93 -8.86
N ALA A 26 -0.75 -5.61 -9.90
CA ALA A 26 0.63 -6.07 -9.95
C ALA A 26 1.59 -4.90 -10.08
N GLU A 27 1.25 -3.96 -10.94
CA GLU A 27 2.13 -2.83 -11.24
C GLU A 27 2.55 -2.12 -9.96
N LYS A 28 1.58 -1.83 -9.09
CA LYS A 28 1.85 -1.09 -7.87
C LYS A 28 2.39 -2.01 -6.78
N TYR A 29 1.97 -3.27 -6.82
CA TYR A 29 2.54 -4.29 -5.93
C TYR A 29 4.06 -4.34 -6.05
N PHE A 30 4.56 -4.31 -7.28
CA PHE A 30 5.98 -4.45 -7.53
C PHE A 30 6.69 -3.11 -7.43
N LYS A 31 6.04 -2.05 -7.93
CA LYS A 31 6.69 -0.77 -8.10
C LYS A 31 6.37 0.17 -6.95
N LEU A 32 5.09 0.45 -6.76
CA LEU A 32 4.65 1.54 -5.89
C LEU A 32 5.19 1.35 -4.48
N ILE A 33 4.92 0.18 -3.90
CA ILE A 33 5.26 -0.08 -2.50
C ILE A 33 6.77 -0.25 -2.33
N ALA A 34 7.43 -0.76 -3.37
CA ALA A 34 8.88 -0.88 -3.36
C ALA A 34 9.55 0.50 -3.38
N ASN A 35 8.84 1.47 -3.95
CA ASN A 35 9.36 2.85 -4.02
C ASN A 35 8.84 3.69 -2.87
N ALA A 36 8.13 3.05 -1.95
CA ALA A 36 7.61 3.73 -0.77
C ALA A 36 8.74 4.27 0.10
N LYS A 37 8.57 5.49 0.58
CA LYS A 37 9.62 6.17 1.34
C LYS A 37 9.31 6.14 2.83
N THR A 38 8.06 6.44 3.19
CA THR A 38 7.66 6.49 4.58
C THR A 38 6.41 5.63 4.82
N VAL A 39 6.09 5.42 6.09
CA VAL A 39 4.87 4.72 6.46
C VAL A 39 3.64 5.58 6.16
N GLU A 40 3.83 6.90 6.15
CA GLU A 40 2.78 7.82 5.76
C GLU A 40 2.51 7.75 4.26
N GLY A 41 3.57 7.52 3.48
CA GLY A 41 3.43 7.22 2.06
C GLY A 41 2.61 5.96 1.85
N VAL A 42 2.89 4.93 2.63
CA VAL A 42 2.14 3.69 2.56
C VAL A 42 0.68 3.89 2.99
N TRP A 43 0.49 4.70 4.03
CA TRP A 43 -0.85 5.02 4.52
C TRP A 43 -1.63 5.79 3.46
N THR A 44 -0.94 6.62 2.69
CA THR A 44 -1.53 7.28 1.54
C THR A 44 -1.87 6.27 0.45
N TYR A 45 -0.99 5.29 0.25
CA TYR A 45 -1.20 4.26 -0.75
C TYR A 45 -2.40 3.39 -0.40
N LYS A 46 -2.71 3.31 0.88
CA LYS A 46 -3.91 2.61 1.34
C LYS A 46 -5.17 3.35 0.94
N ASP A 47 -5.02 4.63 0.60
CA ASP A 47 -6.11 5.41 0.05
C ASP A 47 -6.09 5.41 -1.47
N GLU A 48 -4.88 5.25 -2.03
CA GLU A 48 -4.72 5.19 -3.48
C GLU A 48 -5.32 3.91 -4.05
N ILE A 49 -5.25 2.84 -3.27
CA ILE A 49 -5.79 1.55 -3.69
C ILE A 49 -7.29 1.61 -3.89
N LYS A 50 -7.93 2.61 -3.27
CA LYS A 50 -9.36 2.81 -3.41
C LYS A 50 -9.73 3.20 -4.84
N THR A 51 -8.74 3.69 -5.58
CA THR A 51 -8.94 4.05 -6.98
C THR A 51 -8.26 3.06 -7.92
N PHE A 52 -7.34 2.28 -7.36
CA PHE A 52 -6.68 1.22 -8.12
C PHE A 52 -7.68 0.13 -8.51
N THR A 53 -8.65 -0.12 -7.64
CA THR A 53 -9.70 -1.10 -7.92
C THR A 53 -10.68 -0.56 -8.95
N VAL A 54 -10.71 0.76 -9.11
CA VAL A 54 -11.50 1.38 -10.16
C VAL A 54 -10.82 1.27 -11.51
N THR A 55 -9.50 1.46 -11.52
CA THR A 55 -8.71 1.35 -12.75
C THR A 55 -8.38 -0.10 -13.07
N GLU A 56 -8.55 -0.97 -12.08
CA GLU A 56 -8.33 -2.40 -12.28
C GLU A 56 -8.87 -2.86 -13.62
N THR A 1 -10.00 -0.88 5.87
CA THR A 1 -8.57 -1.18 5.91
C THR A 1 -7.75 0.11 5.95
N THR A 2 -8.29 1.17 5.36
CA THR A 2 -7.65 2.47 5.37
C THR A 2 -8.06 3.29 6.59
N TYR A 3 -9.09 2.83 7.28
CA TYR A 3 -9.55 3.48 8.50
C TYR A 3 -8.66 3.13 9.68
N LYS A 4 -8.07 1.94 9.64
CA LYS A 4 -7.14 1.51 10.67
C LYS A 4 -5.71 1.45 10.13
N LEU A 5 -4.99 2.56 10.25
CA LEU A 5 -3.64 2.65 9.71
C LEU A 5 -2.63 2.00 10.66
N ILE A 6 -1.64 1.33 10.08
CA ILE A 6 -0.65 0.60 10.87
C ILE A 6 0.63 1.41 11.04
N LEU A 7 1.04 1.59 12.30
CA LEU A 7 2.22 2.39 12.60
C LEU A 7 3.50 1.70 12.14
N ASN A 8 3.49 0.38 12.18
CA ASN A 8 4.63 -0.41 11.71
C ASN A 8 4.76 -0.35 10.20
N LEU A 9 5.90 0.13 9.72
CA LEU A 9 6.12 0.30 8.29
C LEU A 9 5.97 -1.01 7.54
N LYS A 10 6.64 -2.04 8.04
CA LYS A 10 6.64 -3.35 7.39
C LYS A 10 5.22 -3.90 7.28
N GLN A 11 4.52 -3.96 8.41
CA GLN A 11 3.17 -4.50 8.45
C GLN A 11 2.21 -3.64 7.64
N ALA A 12 2.43 -2.33 7.65
CA ALA A 12 1.63 -1.40 6.87
C ALA A 12 1.81 -1.64 5.37
N LYS A 13 3.05 -1.87 4.97
CA LYS A 13 3.36 -2.17 3.58
C LYS A 13 2.70 -3.46 3.13
N GLU A 14 2.70 -4.46 4.02
CA GLU A 14 2.13 -5.77 3.70
C GLU A 14 0.63 -5.67 3.49
N GLU A 15 -0.04 -4.91 4.36
CA GLU A 15 -1.49 -4.73 4.26
C GLU A 15 -1.84 -3.81 3.10
N ALA A 16 -0.98 -2.85 2.82
CA ALA A 16 -1.15 -1.96 1.69
C ALA A 16 -1.16 -2.73 0.37
N ILE A 17 -0.23 -3.67 0.25
CA ILE A 17 -0.11 -4.48 -0.97
C ILE A 17 -1.03 -5.68 -0.91
N LYS A 18 -1.58 -5.96 0.26
CA LYS A 18 -2.64 -6.95 0.41
C LYS A 18 -3.88 -6.54 -0.38
N GLU A 19 -4.18 -5.25 -0.37
CA GLU A 19 -5.24 -4.70 -1.21
C GLU A 19 -4.92 -4.88 -2.69
N LEU A 20 -3.64 -4.79 -3.03
CA LEU A 20 -3.19 -5.02 -4.39
C LEU A 20 -3.33 -6.48 -4.78
N VAL A 21 -3.18 -7.37 -3.80
CA VAL A 21 -3.42 -8.79 -4.00
C VAL A 21 -4.89 -9.05 -4.33
N ASP A 22 -5.78 -8.39 -3.60
CA ASP A 22 -7.21 -8.45 -3.89
C ASP A 22 -7.53 -7.80 -5.24
N ALA A 23 -6.80 -6.74 -5.56
CA ALA A 23 -6.96 -6.06 -6.84
C ALA A 23 -6.42 -6.90 -7.99
N GLY A 24 -5.42 -7.71 -7.69
CA GLY A 24 -4.78 -8.55 -8.71
C GLY A 24 -3.71 -7.75 -9.47
N ILE A 25 -3.14 -6.76 -8.79
CA ILE A 25 -2.16 -5.88 -9.43
C ILE A 25 -0.74 -6.25 -9.03
N ALA A 26 0.05 -6.67 -10.01
CA ALA A 26 1.41 -7.14 -9.75
C ALA A 26 2.41 -6.00 -9.87
N GLU A 27 1.97 -4.88 -10.45
CA GLU A 27 2.86 -3.76 -10.74
C GLU A 27 3.19 -2.98 -9.48
N LYS A 28 2.16 -2.68 -8.70
CA LYS A 28 2.25 -1.63 -7.67
C LYS A 28 2.96 -2.16 -6.43
N TYR A 29 2.75 -3.43 -6.11
CA TYR A 29 3.36 -4.05 -4.95
C TYR A 29 4.86 -4.15 -5.09
N PHE A 30 5.34 -4.04 -6.33
CA PHE A 30 6.78 -4.04 -6.61
C PHE A 30 7.30 -2.62 -6.76
N LYS A 31 6.56 -1.78 -7.47
CA LYS A 31 7.01 -0.44 -7.80
C LYS A 31 6.50 0.58 -6.80
N LEU A 32 5.19 0.69 -6.70
CA LEU A 32 4.56 1.73 -5.89
C LEU A 32 5.04 1.67 -4.45
N ILE A 33 4.83 0.54 -3.81
CA ILE A 33 5.15 0.40 -2.38
C ILE A 33 6.64 0.55 -2.13
N ALA A 34 7.45 0.24 -3.14
CA ALA A 34 8.89 0.40 -3.06
C ALA A 34 9.28 1.87 -3.11
N ASN A 35 8.45 2.68 -3.74
CA ASN A 35 8.71 4.12 -3.85
C ASN A 35 8.42 4.82 -2.53
N ALA A 36 7.74 4.12 -1.62
CA ALA A 36 7.45 4.67 -0.30
C ALA A 36 8.72 4.88 0.50
N LYS A 37 8.81 6.02 1.18
CA LYS A 37 9.96 6.34 2.01
C LYS A 37 9.57 6.41 3.48
N THR A 38 8.27 6.62 3.73
CA THR A 38 7.75 6.66 5.09
C THR A 38 6.49 5.81 5.23
N VAL A 39 6.11 5.53 6.47
CA VAL A 39 4.86 4.83 6.74
C VAL A 39 3.67 5.68 6.36
N GLU A 40 3.86 6.99 6.34
CA GLU A 40 2.82 7.91 5.89
C GLU A 40 2.64 7.85 4.37
N GLY A 41 3.75 7.67 3.66
CA GLY A 41 3.71 7.43 2.22
C GLY A 41 3.01 6.12 1.90
N VAL A 42 3.24 5.11 2.74
CA VAL A 42 2.55 3.83 2.61
C VAL A 42 1.05 3.99 2.85
N TRP A 43 0.70 4.77 3.87
CA TRP A 43 -0.70 5.06 4.16
C TRP A 43 -1.37 5.75 2.98
N THR A 44 -0.70 6.73 2.40
CA THR A 44 -1.23 7.45 1.25
C THR A 44 -1.41 6.52 0.06
N TYR A 45 -0.44 5.65 -0.16
CA TYR A 45 -0.51 4.68 -1.24
C TYR A 45 -1.70 3.74 -1.07
N LYS A 46 -1.88 3.25 0.15
CA LYS A 46 -2.96 2.31 0.46
C LYS A 46 -4.32 2.93 0.16
N ASP A 47 -4.45 4.23 0.44
CA ASP A 47 -5.67 4.96 0.11
C ASP A 47 -5.99 4.88 -1.38
N GLU A 48 -4.97 5.07 -2.20
CA GLU A 48 -5.14 4.97 -3.65
C GLU A 48 -5.31 3.52 -4.08
N ILE A 49 -4.64 2.62 -3.37
CA ILE A 49 -4.74 1.19 -3.68
C ILE A 49 -6.14 0.66 -3.42
N LYS A 50 -6.78 1.16 -2.37
CA LYS A 50 -8.18 0.85 -2.11
C LYS A 50 -9.04 1.14 -3.33
N THR A 51 -8.86 2.31 -3.92
CA THR A 51 -9.53 2.67 -5.17
C THR A 51 -9.21 1.66 -6.27
N PHE A 52 -7.96 1.23 -6.34
CA PHE A 52 -7.55 0.23 -7.31
C PHE A 52 -8.32 -1.07 -7.12
N THR A 53 -8.48 -1.49 -5.87
CA THR A 53 -9.27 -2.67 -5.54
C THR A 53 -10.70 -2.54 -6.04
N VAL A 54 -11.28 -1.36 -5.83
CA VAL A 54 -12.66 -1.11 -6.23
C VAL A 54 -12.81 -1.16 -7.74
N THR A 55 -11.85 -0.59 -8.44
CA THR A 55 -11.90 -0.51 -9.90
C THR A 55 -11.54 -1.84 -10.54
N GLU A 56 -10.84 -2.69 -9.79
CA GLU A 56 -10.50 -4.03 -10.25
C GLU A 56 -11.57 -5.04 -9.87
#